data_7QH3
#
_entry.id   7QH3
#
_cell.length_a   73.370
_cell.length_b   61.130
_cell.length_c   82.750
_cell.angle_alpha   90.000
_cell.angle_beta   106.720
_cell.angle_gamma   90.000
#
_symmetry.space_group_name_H-M   'P 1 21 1'
#
loop_
_entity.id
_entity.type
_entity.pdbx_description
1 polymer RsfG
2 water water
#
_entity_poly.entity_id   1
_entity_poly.type   'polypeptide(L)'
_entity_poly.pdbx_seq_one_letter_code
;MNDTTAAAPGTAADPGPDAAVRALDRLIGTWRVSGGAEGTVSYRGLEGGHFLLQDIALEQFGQPVTGVEVIGRLKEFGAE
EPGEDIRSRYYDSRGNTFDYVYELDGDTLTIWGGEKGSPAYYRATFSADGNTLSGAWVYPGGGGYDSVMTRVAV
;
_entity_poly.pdbx_strand_id   A,B,C,D
#
# COMPACT_ATOMS: atom_id res chain seq x y z
N ARG A 22 25.48 8.66 -11.22
CA ARG A 22 26.55 9.65 -11.07
C ARG A 22 26.93 10.21 -12.43
N ALA A 23 26.53 9.53 -13.50
CA ALA A 23 26.82 10.06 -14.82
C ALA A 23 26.02 11.31 -15.13
N LEU A 24 24.93 11.56 -14.39
CA LEU A 24 24.18 12.78 -14.61
C LEU A 24 24.84 14.01 -13.98
N ASP A 25 26.04 13.85 -13.40
CA ASP A 25 26.77 14.99 -12.86
C ASP A 25 26.94 16.10 -13.87
N ARG A 26 27.04 15.76 -15.16
CA ARG A 26 27.12 16.78 -16.22
C ARG A 26 26.02 17.82 -16.11
N LEU A 27 24.84 17.42 -15.63
CA LEU A 27 23.72 18.36 -15.57
C LEU A 27 23.85 19.35 -14.44
N ILE A 28 24.77 19.13 -13.50
CA ILE A 28 24.82 19.98 -12.32
C ILE A 28 25.20 21.39 -12.74
N GLY A 29 24.44 22.38 -12.27
CA GLY A 29 24.68 23.77 -12.62
C GLY A 29 23.38 24.49 -12.92
N THR A 30 23.52 25.70 -13.45
CA THR A 30 22.40 26.54 -13.85
C THR A 30 22.43 26.73 -15.36
N TRP A 31 21.28 26.56 -16.01
CA TRP A 31 21.20 26.57 -17.46
C TRP A 31 20.12 27.52 -17.90
N ARG A 32 20.42 28.34 -18.90
CA ARG A 32 19.39 29.07 -19.63
C ARG A 32 18.80 28.13 -20.67
N VAL A 33 17.48 28.21 -20.85
CA VAL A 33 16.74 27.30 -21.71
C VAL A 33 16.04 28.11 -22.80
N SER A 34 16.19 27.68 -24.04
CA SER A 34 15.43 28.28 -25.12
C SER A 34 14.87 27.23 -26.05
N GLY A 35 13.68 27.49 -26.59
CA GLY A 35 13.03 26.58 -27.50
C GLY A 35 11.93 25.82 -26.79
N GLY A 36 10.69 26.15 -27.13
CA GLY A 36 9.55 25.49 -26.51
C GLY A 36 9.20 26.14 -25.20
N ALA A 37 10.24 26.61 -24.51
CA ALA A 37 10.11 27.38 -23.28
C ALA A 37 11.32 28.29 -23.18
N GLU A 38 11.19 29.34 -22.37
CA GLU A 38 12.27 30.30 -22.15
C GLU A 38 12.48 30.46 -20.66
N GLY A 39 13.72 30.45 -20.23
CA GLY A 39 13.97 30.76 -18.84
C GLY A 39 15.24 30.05 -18.40
N THR A 40 15.25 29.65 -17.11
CA THR A 40 16.42 29.01 -16.54
C THR A 40 15.99 27.80 -15.72
N VAL A 41 16.87 26.80 -15.66
CA VAL A 41 16.69 25.65 -14.79
C VAL A 41 17.99 25.40 -14.02
N SER A 42 17.87 24.72 -12.88
CA SER A 42 19.03 24.35 -12.07
C SER A 42 18.98 22.87 -11.73
N TYR A 43 20.13 22.22 -11.75
CA TYR A 43 20.29 20.86 -11.26
C TYR A 43 21.27 20.90 -10.10
N ARG A 44 20.87 20.35 -8.96
CA ARG A 44 21.76 20.14 -7.83
C ARG A 44 21.68 18.69 -7.37
N GLY A 45 22.80 18.10 -7.03
CA GLY A 45 22.78 16.76 -6.49
C GLY A 45 22.39 16.76 -5.02
N LEU A 46 21.61 15.75 -4.62
CA LEU A 46 21.20 15.60 -3.22
C LEU A 46 22.26 14.85 -2.42
N GLU A 47 22.38 15.20 -1.16
CA GLU A 47 23.33 14.51 -0.29
C GLU A 47 23.10 13.01 -0.32
N GLY A 48 24.20 12.27 -0.41
CA GLY A 48 24.17 10.86 -0.71
C GLY A 48 24.35 10.56 -2.17
N GLY A 49 24.18 11.55 -3.03
CA GLY A 49 24.46 11.38 -4.46
C GLY A 49 23.57 10.38 -5.17
N HIS A 50 22.40 10.07 -4.62
CA HIS A 50 21.49 9.19 -5.34
C HIS A 50 20.44 9.94 -6.14
N PHE A 51 20.13 11.19 -5.81
CA PHE A 51 19.07 11.92 -6.48
C PHE A 51 19.52 13.32 -6.89
N LEU A 52 19.13 13.69 -8.11
CA LEU A 52 19.34 15.03 -8.63
C LEU A 52 18.05 15.82 -8.48
N LEU A 53 18.14 17.05 -8.00
CA LEU A 53 16.98 17.91 -7.87
C LEU A 53 17.04 19.01 -8.92
N GLN A 54 16.06 19.04 -9.83
CA GLN A 54 15.98 20.10 -10.83
C GLN A 54 14.95 21.13 -10.41
N ASP A 55 15.33 22.41 -10.48
CA ASP A 55 14.39 23.51 -10.25
C ASP A 55 14.13 24.26 -11.55
N ILE A 56 12.85 24.44 -11.88
CA ILE A 56 12.43 24.89 -13.20
C ILE A 56 11.77 26.26 -13.06
N ALA A 57 12.30 27.23 -13.80
CA ALA A 57 11.78 28.62 -13.83
C ALA A 57 11.60 29.02 -15.29
N LEU A 58 10.45 28.73 -15.86
CA LEU A 58 10.25 28.86 -17.29
C LEU A 58 9.04 29.73 -17.60
N GLU A 59 9.00 30.18 -18.85
CA GLU A 59 7.83 30.82 -19.43
C GLU A 59 7.40 30.06 -20.69
N GLN A 60 6.10 29.84 -20.81
CA GLN A 60 5.50 29.24 -21.99
C GLN A 60 4.25 30.02 -22.33
N PHE A 61 4.14 30.45 -23.60
CA PHE A 61 3.05 31.33 -24.04
C PHE A 61 2.87 32.51 -23.07
N GLY A 62 3.98 33.12 -22.67
CA GLY A 62 3.96 34.27 -21.80
C GLY A 62 3.68 33.99 -20.34
N GLN A 63 3.09 32.84 -20.01
CA GLN A 63 2.65 32.46 -18.68
C GLN A 63 3.77 31.75 -17.91
N PRO A 64 3.92 32.02 -16.62
CA PRO A 64 4.96 31.33 -15.83
C PRO A 64 4.67 29.84 -15.66
N VAL A 65 5.74 29.04 -15.75
CA VAL A 65 5.69 27.59 -15.67
C VAL A 65 6.86 27.16 -14.79
N THR A 66 6.58 26.66 -13.59
CA THR A 66 7.64 26.27 -12.67
C THR A 66 7.34 24.91 -12.06
N GLY A 67 8.30 24.40 -11.32
CA GLY A 67 8.13 23.14 -10.61
C GLY A 67 9.48 22.57 -10.23
N VAL A 68 9.44 21.34 -9.71
CA VAL A 68 10.65 20.59 -9.40
C VAL A 68 10.56 19.21 -10.01
N GLU A 69 11.71 18.58 -10.13
CA GLU A 69 11.84 17.23 -10.66
C GLU A 69 12.95 16.55 -9.87
N VAL A 70 12.70 15.31 -9.46
CA VAL A 70 13.67 14.52 -8.70
C VAL A 70 14.08 13.34 -9.57
N ILE A 71 15.38 13.28 -9.88
CA ILE A 71 15.92 12.30 -10.81
C ILE A 71 16.75 11.30 -10.01
N GLY A 72 16.42 10.02 -10.15
CA GLY A 72 17.22 8.95 -9.57
C GLY A 72 16.51 7.63 -9.72
N ARG A 73 17.25 6.57 -9.43
CA ARG A 73 16.62 5.24 -9.38
C ARG A 73 15.67 5.17 -8.21
N LEU A 74 14.55 4.47 -8.40
CA LEU A 74 13.66 4.13 -7.30
C LEU A 74 14.13 2.84 -6.60
N LYS A 75 14.08 2.82 -5.27
CA LYS A 75 14.49 1.65 -4.50
C LYS A 75 13.52 1.41 -3.36
N GLU A 76 12.90 0.23 -3.34
CA GLU A 76 12.02 -0.13 -2.23
C GLU A 76 12.84 -0.42 -0.99
N PHE A 77 12.43 0.16 0.13
CA PHE A 77 12.97 -0.24 1.42
C PHE A 77 12.87 -1.74 1.56
N GLY A 78 14.00 -2.41 1.77
CA GLY A 78 14.01 -3.86 1.79
C GLY A 78 14.39 -4.52 0.50
N ALA A 79 14.86 -3.76 -0.49
CA ALA A 79 15.41 -4.30 -1.73
C ALA A 79 16.93 -4.21 -1.67
N GLU A 80 17.59 -5.18 -2.30
CA GLU A 80 19.03 -5.09 -2.43
C GLU A 80 19.40 -4.12 -3.53
N GLU A 81 18.72 -4.18 -4.68
CA GLU A 81 19.14 -3.36 -5.79
C GLU A 81 18.11 -2.27 -6.11
N PRO A 82 18.58 -1.07 -6.46
CA PRO A 82 17.69 -0.06 -7.01
C PRO A 82 17.12 -0.51 -8.36
N GLY A 83 16.19 0.29 -8.86
CA GLY A 83 15.60 0.00 -10.16
C GLY A 83 16.63 0.06 -11.27
N GLU A 84 16.28 -0.60 -12.38
CA GLU A 84 17.17 -0.64 -13.52
C GLU A 84 17.21 0.71 -14.24
N ASP A 85 16.06 1.37 -14.32
CA ASP A 85 15.95 2.68 -14.93
C ASP A 85 16.29 3.78 -13.93
N ILE A 86 17.05 4.78 -14.37
CA ILE A 86 17.02 6.07 -13.67
C ILE A 86 15.71 6.75 -14.00
N ARG A 87 15.02 7.26 -12.98
CA ARG A 87 13.67 7.73 -13.16
C ARG A 87 13.56 9.15 -12.62
N SER A 88 12.50 9.83 -13.03
CA SER A 88 12.20 11.12 -12.43
C SER A 88 10.69 11.30 -12.34
N ARG A 89 10.28 12.11 -11.37
CA ARG A 89 8.93 12.67 -11.36
C ARG A 89 9.03 14.19 -11.35
N TYR A 90 8.33 14.82 -12.28
CA TYR A 90 8.29 16.28 -12.39
C TYR A 90 6.95 16.79 -11.86
N TYR A 91 7.01 17.70 -10.88
CA TYR A 91 5.82 18.27 -10.22
C TYR A 91 5.73 19.73 -10.61
N ASP A 92 4.64 20.14 -11.26
CA ASP A 92 4.65 21.50 -11.82
C ASP A 92 3.58 22.41 -11.25
N SER A 93 3.78 23.71 -11.50
CA SER A 93 2.99 24.75 -10.85
C SER A 93 1.52 24.64 -11.19
N ARG A 94 1.19 24.00 -12.30
CA ARG A 94 -0.18 23.84 -12.73
C ARG A 94 -0.86 22.64 -12.11
N GLY A 95 -0.12 21.81 -11.36
CA GLY A 95 -0.69 20.65 -10.69
C GLY A 95 -0.47 19.32 -11.38
N ASN A 96 0.31 19.27 -12.45
CA ASN A 96 0.50 17.99 -13.09
C ASN A 96 1.75 17.30 -12.55
N THR A 97 1.74 15.97 -12.69
CA THR A 97 2.93 15.18 -12.43
C THR A 97 3.25 14.34 -13.66
N PHE A 98 4.50 14.38 -14.07
CA PHE A 98 4.98 13.68 -15.25
C PHE A 98 6.14 12.79 -14.83
N ASP A 99 6.14 11.56 -15.35
CA ASP A 99 7.14 10.56 -15.02
C ASP A 99 8.01 10.27 -16.23
N TYR A 100 9.32 10.29 -16.03
CA TYR A 100 10.31 10.13 -17.08
C TYR A 100 11.28 8.99 -16.77
N VAL A 101 12.01 8.57 -17.81
CA VAL A 101 13.18 7.71 -17.67
C VAL A 101 14.37 8.37 -18.37
N TYR A 102 15.46 8.55 -17.64
CA TYR A 102 16.68 9.19 -18.13
C TYR A 102 17.69 8.14 -18.58
N GLU A 103 18.28 8.34 -19.74
CA GLU A 103 19.43 7.56 -20.22
C GLU A 103 20.48 8.51 -20.73
N LEU A 104 21.70 8.38 -20.23
CA LEU A 104 22.86 9.06 -20.78
C LEU A 104 23.79 8.01 -21.35
N ASP A 105 24.02 8.07 -22.65
CA ASP A 105 24.88 7.13 -23.36
C ASP A 105 25.93 7.98 -24.05
N GLY A 106 27.08 8.15 -23.39
CA GLY A 106 28.11 9.04 -23.87
C GLY A 106 27.76 10.50 -23.75
N ASP A 107 27.60 11.18 -24.89
CA ASP A 107 27.25 12.60 -24.92
C ASP A 107 25.78 12.82 -25.24
N THR A 108 25.01 11.76 -25.45
CA THR A 108 23.61 11.87 -25.82
C THR A 108 22.73 11.55 -24.62
N LEU A 109 21.90 12.52 -24.25
CA LEU A 109 20.91 12.36 -23.19
C LEU A 109 19.58 12.02 -23.83
N THR A 110 18.91 10.99 -23.31
CA THR A 110 17.56 10.67 -23.72
C THR A 110 16.65 10.63 -22.51
N ILE A 111 15.57 11.39 -22.59
CA ILE A 111 14.56 11.51 -21.54
C ILE A 111 13.25 10.97 -22.11
N TRP A 112 12.84 9.79 -21.66
CA TRP A 112 11.63 9.14 -22.13
C TRP A 112 10.43 9.53 -21.28
N GLY A 113 9.30 9.81 -21.92
CA GLY A 113 8.05 9.95 -21.19
C GLY A 113 7.60 8.58 -20.69
N GLY A 114 7.52 8.40 -19.37
CA GLY A 114 6.99 7.15 -18.86
C GLY A 114 7.91 5.95 -18.85
N GLU A 115 8.29 5.46 -20.02
CA GLU A 115 9.16 4.28 -20.08
C GLU A 115 10.10 4.40 -21.26
N LYS A 116 11.26 3.76 -21.12
CA LYS A 116 12.20 3.59 -22.21
C LYS A 116 11.48 3.04 -23.44
N GLY A 117 11.72 3.67 -24.59
CA GLY A 117 11.05 3.28 -25.81
C GLY A 117 9.69 3.92 -26.03
N SER A 118 9.29 4.86 -25.18
CA SER A 118 8.02 5.56 -25.33
C SER A 118 7.97 6.35 -26.65
N PRO A 119 6.75 6.59 -27.17
CA PRO A 119 6.65 7.44 -28.38
C PRO A 119 6.99 8.90 -28.16
N ALA A 120 7.09 9.36 -26.90
CA ALA A 120 7.40 10.75 -26.59
C ALA A 120 8.69 10.82 -25.79
N TYR A 121 9.65 11.60 -26.27
CA TYR A 121 10.93 11.65 -25.58
C TYR A 121 11.69 12.89 -25.99
N TYR A 122 12.64 13.27 -25.13
CA TYR A 122 13.65 14.28 -25.43
C TYR A 122 14.97 13.57 -25.72
N ARG A 123 15.63 13.97 -26.80
CA ARG A 123 17.00 13.53 -27.10
C ARG A 123 17.86 14.74 -27.39
N ALA A 124 19.04 14.78 -26.79
CA ALA A 124 19.93 15.91 -26.97
C ALA A 124 21.36 15.45 -26.77
N THR A 125 22.30 16.24 -27.26
CA THR A 125 23.71 15.91 -27.13
C THR A 125 24.47 17.06 -26.49
N PHE A 126 25.36 16.73 -25.57
CA PHE A 126 26.24 17.74 -24.98
C PHE A 126 27.29 18.18 -26.00
N SER A 127 27.59 19.48 -25.99
CA SER A 127 28.72 20.01 -26.74
C SER A 127 30.03 19.43 -26.19
N ALA A 128 31.09 19.58 -26.99
CA ALA A 128 32.38 19.01 -26.61
C ALA A 128 32.91 19.58 -25.30
N ASP A 129 32.50 20.78 -24.92
CA ASP A 129 32.89 21.38 -23.64
C ASP A 129 31.87 21.14 -22.54
N GLY A 130 30.81 20.37 -22.81
CA GLY A 130 29.80 20.09 -21.81
C GLY A 130 28.97 21.26 -21.34
N ASN A 131 29.05 22.41 -22.03
CA ASN A 131 28.36 23.62 -21.62
C ASN A 131 27.07 23.86 -22.41
N THR A 132 26.86 23.13 -23.51
CA THR A 132 25.64 23.28 -24.30
C THR A 132 25.04 21.90 -24.54
N LEU A 133 23.72 21.79 -24.30
CA LEU A 133 22.98 20.57 -24.52
C LEU A 133 21.83 20.92 -25.45
N SER A 134 21.91 20.46 -26.68
CA SER A 134 20.97 20.86 -27.72
C SER A 134 20.30 19.63 -28.31
N GLY A 135 18.98 19.70 -28.47
CA GLY A 135 18.25 18.59 -29.03
C GLY A 135 16.82 18.93 -29.30
N ALA A 136 15.92 17.97 -29.10
CA ALA A 136 14.53 18.21 -29.48
C ALA A 136 13.64 17.20 -28.79
N TRP A 137 12.42 17.66 -28.49
CA TRP A 137 11.35 16.77 -28.08
C TRP A 137 10.78 16.09 -29.33
N VAL A 138 10.46 14.80 -29.19
CA VAL A 138 9.86 14.01 -30.25
C VAL A 138 8.55 13.43 -29.73
N TYR A 139 7.46 13.63 -30.48
CA TYR A 139 6.21 12.99 -30.12
C TYR A 139 5.24 13.02 -31.30
N PRO A 140 4.30 12.08 -31.36
CA PRO A 140 3.29 12.12 -32.43
C PRO A 140 2.30 13.24 -32.22
N GLY A 141 1.72 13.72 -33.32
CA GLY A 141 0.94 14.93 -33.28
C GLY A 141 1.76 16.10 -33.75
N GLY A 142 2.18 16.97 -32.84
CA GLY A 142 2.99 18.10 -33.28
C GLY A 142 4.38 17.75 -33.77
N GLY A 143 4.81 16.49 -33.64
CA GLY A 143 6.14 16.15 -34.09
C GLY A 143 7.18 16.42 -33.02
N GLY A 144 7.12 17.59 -32.38
CA GLY A 144 8.09 18.00 -31.40
C GLY A 144 8.63 19.37 -31.73
N TYR A 145 9.76 19.71 -31.10
CA TYR A 145 10.33 21.05 -31.21
C TYR A 145 11.74 21.05 -30.66
N ASP A 146 12.55 21.98 -31.15
CA ASP A 146 13.94 22.07 -30.75
C ASP A 146 14.07 22.69 -29.37
N SER A 147 15.10 22.28 -28.65
CA SER A 147 15.41 22.86 -27.36
C SER A 147 16.93 22.84 -27.14
N VAL A 148 17.43 23.93 -26.58
CA VAL A 148 18.84 24.08 -26.26
C VAL A 148 18.97 24.63 -24.84
N MET A 149 19.93 24.10 -24.09
CA MET A 149 20.29 24.59 -22.78
C MET A 149 21.75 25.04 -22.80
N THR A 150 22.03 26.19 -22.19
CA THR A 150 23.37 26.78 -22.14
C THR A 150 23.77 26.92 -20.68
N ARG A 151 24.95 26.39 -20.32
CA ARG A 151 25.36 26.51 -18.94
C ARG A 151 25.76 27.94 -18.62
N VAL A 152 25.23 28.45 -17.52
CA VAL A 152 25.30 29.87 -17.18
C VAL A 152 25.84 30.12 -15.78
N ALA A 153 25.87 29.12 -14.90
CA ALA A 153 26.43 29.25 -13.56
C ALA A 153 26.76 27.87 -12.98
N ALA B 7 -9.83 -28.65 -21.50
CA ALA B 7 -9.87 -28.73 -20.03
C ALA B 7 -11.30 -28.87 -19.51
N ALA B 8 -11.59 -29.99 -18.83
CA ALA B 8 -12.96 -30.37 -18.53
C ALA B 8 -13.53 -29.50 -17.41
N PRO B 9 -14.83 -29.21 -17.47
CA PRO B 9 -15.42 -28.23 -16.54
C PRO B 9 -15.39 -28.75 -15.10
N GLY B 10 -15.03 -27.85 -14.18
CA GLY B 10 -14.97 -28.15 -12.77
C GLY B 10 -13.57 -28.17 -12.18
N THR B 11 -13.29 -29.24 -11.44
CA THR B 11 -12.02 -29.43 -10.75
C THR B 11 -10.84 -29.37 -11.71
N ALA B 12 -10.97 -30.03 -12.87
CA ALA B 12 -9.87 -30.07 -13.83
C ALA B 12 -9.53 -28.67 -14.37
N ALA B 13 -10.51 -27.79 -14.49
CA ALA B 13 -10.26 -26.44 -15.03
C ALA B 13 -9.86 -25.42 -13.96
N ASP B 14 -9.81 -25.80 -12.69
CA ASP B 14 -9.40 -24.85 -11.64
C ASP B 14 -7.95 -24.42 -11.86
N PRO B 15 -7.66 -23.11 -11.86
CA PRO B 15 -6.27 -22.67 -11.87
C PRO B 15 -5.52 -23.21 -10.66
N GLY B 16 -4.22 -23.45 -10.83
CA GLY B 16 -3.36 -23.84 -9.73
C GLY B 16 -2.50 -22.66 -9.31
N PRO B 17 -1.93 -22.72 -8.11
CA PRO B 17 -1.08 -21.59 -7.65
C PRO B 17 0.30 -21.61 -8.30
N ASP B 18 0.81 -20.41 -8.60
CA ASP B 18 2.16 -20.24 -9.13
C ASP B 18 3.21 -20.63 -8.07
N ALA B 19 4.47 -20.67 -8.50
CA ALA B 19 5.55 -21.20 -7.66
C ALA B 19 5.85 -20.31 -6.46
N ALA B 20 5.67 -18.99 -6.59
CA ALA B 20 5.87 -18.10 -5.46
C ALA B 20 4.82 -18.34 -4.37
N VAL B 21 3.58 -18.69 -4.77
CA VAL B 21 2.55 -18.97 -3.79
C VAL B 21 2.74 -20.35 -3.18
N ARG B 22 2.99 -21.36 -4.02
CA ARG B 22 3.29 -22.71 -3.54
C ARG B 22 4.48 -22.71 -2.59
N ALA B 23 5.43 -21.79 -2.80
CA ALA B 23 6.59 -21.75 -1.93
C ALA B 23 6.20 -21.46 -0.50
N LEU B 24 5.07 -20.77 -0.28
CA LEU B 24 4.67 -20.50 1.09
C LEU B 24 4.16 -21.74 1.81
N ASP B 25 3.89 -22.85 1.09
CA ASP B 25 3.52 -24.11 1.73
C ASP B 25 4.49 -24.49 2.84
N ARG B 26 5.74 -24.07 2.73
CA ARG B 26 6.75 -24.35 3.74
C ARG B 26 6.37 -23.82 5.13
N LEU B 27 5.49 -22.82 5.20
CA LEU B 27 5.06 -22.31 6.51
C LEU B 27 4.06 -23.22 7.21
N ILE B 28 3.39 -24.13 6.49
CA ILE B 28 2.38 -24.99 7.10
C ILE B 28 2.96 -25.74 8.30
N GLY B 29 2.17 -25.85 9.37
CA GLY B 29 2.62 -26.40 10.62
C GLY B 29 2.34 -25.45 11.77
N THR B 30 2.71 -25.91 12.97
CA THR B 30 2.54 -25.14 14.20
C THR B 30 3.91 -24.75 14.75
N TRP B 31 4.04 -23.49 15.13
CA TRP B 31 5.31 -22.89 15.54
C TRP B 31 5.19 -22.19 16.87
N ARG B 32 6.19 -22.40 17.72
CA ARG B 32 6.38 -21.61 18.92
C ARG B 32 7.17 -20.36 18.54
N VAL B 33 6.69 -19.20 18.97
CA VAL B 33 7.29 -17.91 18.66
C VAL B 33 7.95 -17.36 19.92
N SER B 34 9.13 -16.76 19.76
CA SER B 34 9.85 -16.17 20.89
C SER B 34 10.55 -14.91 20.41
N GLY B 35 11.00 -14.11 21.38
CA GLY B 35 11.66 -12.85 21.09
C GLY B 35 10.72 -11.67 21.21
N GLY B 36 10.54 -10.91 20.12
CA GLY B 36 9.66 -9.77 20.14
C GLY B 36 8.23 -10.12 20.51
N ALA B 37 7.81 -11.36 20.21
CA ALA B 37 6.49 -11.84 20.59
C ALA B 37 6.65 -13.23 21.17
N GLU B 38 5.62 -13.69 21.88
CA GLU B 38 5.70 -15.00 22.50
C GLU B 38 4.36 -15.70 22.34
N GLY B 39 4.41 -17.03 22.28
CA GLY B 39 3.21 -17.83 22.12
C GLY B 39 3.29 -18.78 20.93
N THR B 40 2.18 -18.95 20.23
CA THR B 40 2.00 -20.02 19.26
C THR B 40 1.24 -19.50 18.04
N VAL B 41 1.66 -19.93 16.85
CA VAL B 41 0.92 -19.72 15.62
C VAL B 41 0.89 -21.03 14.84
N SER B 42 -0.09 -21.15 13.96
CA SER B 42 -0.20 -22.30 13.08
C SER B 42 -0.73 -21.88 11.71
N TYR B 43 -0.12 -22.43 10.66
CA TYR B 43 -0.52 -22.20 9.29
C TYR B 43 -1.13 -23.48 8.73
N ARG B 44 -2.19 -23.31 7.97
CA ARG B 44 -2.85 -24.40 7.28
C ARG B 44 -3.14 -23.93 5.87
N GLY B 45 -3.03 -24.85 4.91
CA GLY B 45 -3.35 -24.53 3.54
C GLY B 45 -4.83 -24.70 3.30
N LEU B 46 -5.45 -23.68 2.74
CA LEU B 46 -6.80 -23.84 2.21
C LEU B 46 -6.80 -24.82 1.05
N GLU B 47 -7.86 -25.61 0.95
CA GLU B 47 -8.04 -26.49 -0.21
C GLU B 47 -7.83 -25.72 -1.51
N GLY B 48 -7.10 -26.32 -2.43
CA GLY B 48 -6.75 -25.72 -3.70
C GLY B 48 -5.39 -25.04 -3.71
N GLY B 49 -4.81 -24.78 -2.54
CA GLY B 49 -3.46 -24.25 -2.45
C GLY B 49 -3.27 -22.77 -2.74
N HIS B 50 -4.33 -21.98 -2.89
CA HIS B 50 -4.11 -20.57 -3.20
C HIS B 50 -3.94 -19.69 -1.97
N PHE B 51 -4.45 -20.11 -0.81
CA PHE B 51 -4.43 -19.30 0.40
C PHE B 51 -3.94 -20.13 1.56
N LEU B 52 -3.14 -19.50 2.41
CA LEU B 52 -2.73 -20.00 3.70
C LEU B 52 -3.56 -19.33 4.78
N LEU B 53 -3.95 -20.08 5.79
CA LEU B 53 -4.65 -19.50 6.93
C LEU B 53 -3.73 -19.55 8.15
N GLN B 54 -3.50 -18.41 8.77
CA GLN B 54 -2.66 -18.37 9.96
C GLN B 54 -3.51 -18.13 11.20
N ASP B 55 -3.47 -19.09 12.11
CA ASP B 55 -4.10 -19.00 13.42
C ASP B 55 -3.07 -18.49 14.43
N ILE B 56 -3.37 -17.34 15.05
CA ILE B 56 -2.37 -16.53 15.74
C ILE B 56 -2.76 -16.39 17.21
N ALA B 57 -1.97 -16.96 18.13
CA ALA B 57 -2.17 -16.82 19.58
C ALA B 57 -0.87 -16.35 20.22
N LEU B 58 -0.59 -15.05 20.13
CA LEU B 58 0.65 -14.47 20.66
C LEU B 58 0.36 -13.48 21.78
N GLU B 59 1.44 -13.00 22.38
CA GLU B 59 1.41 -11.94 23.38
C GLU B 59 2.57 -11.00 23.07
N GLN B 60 2.32 -9.71 23.17
CA GLN B 60 3.39 -8.73 23.04
C GLN B 60 3.14 -7.61 24.02
N PHE B 61 4.19 -7.22 24.76
CA PHE B 61 4.07 -6.26 25.87
C PHE B 61 2.92 -6.63 26.80
N GLY B 62 2.86 -7.90 27.19
CA GLY B 62 1.76 -8.37 28.01
C GLY B 62 0.39 -8.36 27.36
N GLN B 63 0.22 -7.68 26.22
CA GLN B 63 -1.12 -7.59 25.63
C GLN B 63 -1.32 -8.70 24.59
N PRO B 64 -2.51 -9.29 24.54
CA PRO B 64 -2.76 -10.39 23.60
C PRO B 64 -2.75 -9.92 22.16
N VAL B 65 -2.17 -10.76 21.31
CA VAL B 65 -2.20 -10.59 19.86
C VAL B 65 -2.86 -11.86 19.33
N THR B 66 -4.17 -11.79 19.09
CA THR B 66 -5.00 -12.93 18.73
C THR B 66 -5.80 -12.63 17.47
N GLY B 67 -5.87 -13.60 16.55
CA GLY B 67 -6.57 -13.36 15.29
C GLY B 67 -6.25 -14.43 14.28
N VAL B 68 -6.75 -14.20 13.07
CA VAL B 68 -6.52 -15.08 11.91
C VAL B 68 -6.01 -14.21 10.79
N GLU B 69 -5.11 -14.78 9.99
CA GLU B 69 -4.56 -14.06 8.85
C GLU B 69 -4.72 -14.92 7.61
N VAL B 70 -5.17 -14.31 6.52
CA VAL B 70 -5.39 -15.04 5.26
C VAL B 70 -4.39 -14.55 4.22
N ILE B 71 -3.50 -15.44 3.79
CA ILE B 71 -2.36 -15.09 2.94
C ILE B 71 -2.61 -15.65 1.54
N GLY B 72 -2.48 -14.79 0.52
CA GLY B 72 -2.59 -15.19 -0.87
C GLY B 72 -2.83 -13.99 -1.75
N ARG B 73 -2.73 -14.21 -3.07
CA ARG B 73 -2.98 -13.15 -4.05
C ARG B 73 -4.47 -12.83 -4.14
N LEU B 74 -4.79 -11.53 -4.32
CA LEU B 74 -6.16 -11.16 -4.60
C LEU B 74 -6.45 -11.37 -6.09
N LYS B 75 -7.70 -11.74 -6.37
CA LYS B 75 -8.11 -12.08 -7.73
C LYS B 75 -9.62 -12.09 -7.79
N GLU B 76 -10.21 -10.98 -8.25
CA GLU B 76 -11.64 -10.90 -8.43
C GLU B 76 -12.11 -11.99 -9.40
N PHE B 77 -13.36 -12.44 -9.21
CA PHE B 77 -14.01 -13.36 -10.15
C PHE B 77 -13.91 -12.82 -11.57
N GLY B 78 -13.38 -13.65 -12.47
CA GLY B 78 -13.26 -13.29 -13.86
C GLY B 78 -11.93 -12.66 -14.25
N ALA B 79 -11.12 -12.22 -13.28
CA ALA B 79 -9.84 -11.61 -13.59
C ALA B 79 -8.95 -12.58 -14.37
N GLU B 80 -8.21 -12.04 -15.33
CA GLU B 80 -7.28 -12.87 -16.11
C GLU B 80 -6.15 -13.38 -15.24
N GLU B 81 -5.53 -12.49 -14.46
CA GLU B 81 -4.42 -12.85 -13.61
C GLU B 81 -4.67 -12.37 -12.18
N PRO B 82 -4.11 -13.06 -11.20
CA PRO B 82 -4.15 -12.56 -9.81
C PRO B 82 -3.24 -11.35 -9.62
N GLY B 83 -3.45 -10.66 -8.50
CA GLY B 83 -2.52 -9.63 -8.06
C GLY B 83 -1.06 -10.08 -8.16
N GLU B 84 -0.17 -9.15 -8.49
CA GLU B 84 1.24 -9.52 -8.54
C GLU B 84 1.86 -9.66 -7.15
N ASP B 85 1.33 -8.97 -6.14
CA ASP B 85 1.74 -9.17 -4.75
C ASP B 85 0.90 -10.26 -4.09
N ILE B 86 1.58 -11.15 -3.36
CA ILE B 86 0.93 -12.08 -2.44
C ILE B 86 0.56 -11.29 -1.19
N ARG B 87 -0.72 -11.09 -0.95
CA ARG B 87 -1.10 -10.23 0.14
C ARG B 87 -1.60 -11.06 1.30
N SER B 88 -1.89 -10.37 2.40
CA SER B 88 -2.62 -10.96 3.49
C SER B 88 -3.41 -9.86 4.19
N ARG B 89 -4.45 -10.30 4.89
CA ARG B 89 -5.19 -9.47 5.82
C ARG B 89 -5.23 -10.21 7.13
N TYR B 90 -4.67 -9.60 8.17
CA TYR B 90 -4.73 -10.10 9.53
C TYR B 90 -5.97 -9.52 10.21
N TYR B 91 -6.79 -10.38 10.82
CA TYR B 91 -8.08 -9.99 11.39
C TYR B 91 -7.98 -10.16 12.90
N ASP B 92 -7.93 -9.05 13.62
CA ASP B 92 -7.48 -9.07 15.00
C ASP B 92 -8.66 -9.13 15.97
N SER B 93 -8.42 -9.71 17.14
CA SER B 93 -9.46 -9.92 18.13
C SER B 93 -10.00 -8.62 18.73
N ARG B 94 -9.33 -7.50 18.52
CA ARG B 94 -9.82 -6.22 18.96
C ARG B 94 -10.51 -5.45 17.84
N GLY B 95 -10.72 -6.10 16.69
CA GLY B 95 -11.50 -5.54 15.62
C GLY B 95 -10.73 -4.84 14.52
N ASN B 96 -9.43 -4.64 14.70
CA ASN B 96 -8.65 -4.02 13.64
C ASN B 96 -8.26 -5.05 12.59
N THR B 97 -7.98 -4.57 11.38
CA THR B 97 -7.41 -5.40 10.31
C THR B 97 -6.12 -4.77 9.77
N PHE B 98 -5.12 -5.61 9.51
CA PHE B 98 -3.80 -5.17 9.07
C PHE B 98 -3.42 -5.92 7.79
N ASP B 99 -2.95 -5.18 6.80
CA ASP B 99 -2.62 -5.74 5.49
C ASP B 99 -1.09 -5.83 5.33
N TYR B 100 -0.64 -6.92 4.71
CA TYR B 100 0.77 -7.20 4.54
C TYR B 100 1.02 -7.72 3.13
N VAL B 101 2.29 -7.86 2.79
CA VAL B 101 2.70 -8.48 1.55
C VAL B 101 3.82 -9.45 1.86
N TYR B 102 3.74 -10.64 1.29
CA TYR B 102 4.63 -11.78 1.55
C TYR B 102 5.50 -12.07 0.34
N GLU B 103 6.76 -12.40 0.59
CA GLU B 103 7.66 -12.89 -0.46
C GLU B 103 8.62 -13.88 0.16
N LEU B 104 8.61 -15.12 -0.32
CA LEU B 104 9.55 -16.13 0.15
C LEU B 104 10.44 -16.51 -1.02
N ASP B 105 11.70 -16.05 -0.96
CA ASP B 105 12.73 -16.29 -1.98
C ASP B 105 13.77 -17.23 -1.39
N GLY B 106 13.84 -18.45 -1.93
CA GLY B 106 14.70 -19.47 -1.36
C GLY B 106 14.41 -19.75 0.10
N ASP B 107 15.35 -19.41 0.99
CA ASP B 107 15.19 -19.58 2.43
C ASP B 107 14.76 -18.31 3.16
N THR B 108 14.52 -17.23 2.43
CA THR B 108 14.40 -15.89 3.01
C THR B 108 12.98 -15.38 2.84
N LEU B 109 12.33 -15.11 3.96
CA LEU B 109 10.95 -14.63 3.99
C LEU B 109 10.96 -13.13 4.31
N THR B 110 10.27 -12.36 3.48
CA THR B 110 10.03 -10.95 3.78
C THR B 110 8.52 -10.68 3.86
N ILE B 111 8.13 -9.94 4.89
CA ILE B 111 6.75 -9.52 5.08
C ILE B 111 6.74 -8.00 5.23
N TRP B 112 6.24 -7.32 4.21
CA TRP B 112 6.03 -5.88 4.29
C TRP B 112 4.69 -5.56 4.95
N GLY B 113 4.71 -4.60 5.87
CA GLY B 113 3.48 -4.06 6.41
C GLY B 113 2.86 -3.11 5.40
N GLY B 114 1.71 -3.47 4.83
CA GLY B 114 1.02 -2.55 3.95
C GLY B 114 1.26 -2.82 2.49
N GLU B 115 2.39 -2.35 1.97
CA GLU B 115 2.78 -2.55 0.58
C GLU B 115 4.26 -2.90 0.53
N LYS B 116 4.66 -3.64 -0.49
CA LYS B 116 6.07 -3.73 -0.83
C LYS B 116 6.67 -2.34 -0.90
N GLY B 117 7.70 -2.08 -0.12
CA GLY B 117 8.34 -0.78 -0.09
C GLY B 117 7.90 0.12 1.05
N SER B 118 7.05 -0.37 1.94
CA SER B 118 6.67 0.42 3.09
CA SER B 118 6.66 0.41 3.10
C SER B 118 7.84 0.52 4.08
N PRO B 119 7.80 1.51 5.00
CA PRO B 119 8.93 1.69 5.93
C PRO B 119 9.04 0.63 7.04
N ALA B 120 8.38 -0.51 6.93
CA ALA B 120 8.57 -1.55 7.94
C ALA B 120 8.43 -2.91 7.28
N TYR B 121 9.42 -3.79 7.49
CA TYR B 121 9.25 -5.15 7.05
C TYR B 121 9.93 -6.10 8.02
N TYR B 122 9.39 -7.31 8.08
CA TYR B 122 10.00 -8.40 8.82
C TYR B 122 10.77 -9.28 7.83
N ARG B 123 12.00 -9.63 8.18
CA ARG B 123 12.83 -10.49 7.33
C ARG B 123 13.42 -11.60 8.16
N ALA B 124 13.29 -12.84 7.69
CA ALA B 124 13.70 -14.01 8.45
C ALA B 124 14.29 -15.04 7.51
N THR B 125 15.09 -15.93 8.07
CA THR B 125 15.73 -16.97 7.29
C THR B 125 15.40 -18.34 7.88
N PHE B 126 15.06 -19.31 7.03
CA PHE B 126 14.94 -20.69 7.50
C PHE B 126 16.31 -21.24 7.83
N SER B 127 16.39 -21.96 8.95
CA SER B 127 17.60 -22.70 9.33
C SER B 127 17.91 -23.80 8.32
N ALA B 128 19.14 -24.31 8.38
CA ALA B 128 19.52 -25.38 7.47
C ALA B 128 18.61 -26.59 7.64
N ASP B 129 18.22 -26.91 8.89
CA ASP B 129 17.35 -28.07 9.06
C ASP B 129 15.87 -27.79 8.82
N GLY B 130 15.50 -26.57 8.45
CA GLY B 130 14.10 -26.24 8.17
C GLY B 130 13.20 -26.15 9.38
N ASN B 131 13.72 -26.27 10.61
CA ASN B 131 12.83 -26.24 11.76
C ASN B 131 12.69 -24.86 12.38
N THR B 132 13.47 -23.88 11.91
CA THR B 132 13.54 -22.60 12.59
C THR B 132 13.57 -21.47 11.57
N LEU B 133 12.88 -20.40 11.92
CA LEU B 133 12.79 -19.19 11.11
C LEU B 133 13.12 -18.05 12.05
N SER B 134 14.27 -17.41 11.86
CA SER B 134 14.74 -16.36 12.74
C SER B 134 14.88 -15.06 11.95
N GLY B 135 14.43 -13.97 12.54
CA GLY B 135 14.46 -12.72 11.84
C GLY B 135 14.23 -11.54 12.75
N ALA B 136 13.91 -10.41 12.12
CA ALA B 136 13.72 -9.16 12.84
C ALA B 136 12.85 -8.23 12.01
N TRP B 137 12.10 -7.38 12.71
CA TRP B 137 11.49 -6.22 12.07
C TRP B 137 12.58 -5.20 11.76
N VAL B 138 12.63 -4.77 10.51
CA VAL B 138 13.55 -3.73 10.06
C VAL B 138 12.77 -2.43 9.84
N TYR B 139 13.22 -1.35 10.48
CA TYR B 139 12.68 0.00 10.31
C TYR B 139 13.76 0.93 9.77
N PRO B 140 13.38 2.04 9.13
CA PRO B 140 14.40 2.91 8.48
C PRO B 140 15.41 3.48 9.46
N GLY B 141 15.03 3.72 10.70
CA GLY B 141 16.03 4.05 11.68
C GLY B 141 16.70 2.87 12.35
N GLY B 142 16.22 1.65 12.05
CA GLY B 142 16.59 0.48 12.80
C GLY B 142 15.76 0.35 14.07
N GLY B 143 16.08 -0.67 14.85
CA GLY B 143 15.49 -0.85 16.15
C GLY B 143 14.38 -1.88 16.27
N GLY B 144 14.16 -2.71 15.24
CA GLY B 144 13.11 -3.71 15.33
C GLY B 144 13.47 -4.86 16.25
N TYR B 145 12.44 -5.54 16.77
CA TYR B 145 12.67 -6.67 17.66
C TYR B 145 13.08 -7.92 16.87
N ASP B 146 14.01 -8.68 17.44
CA ASP B 146 14.40 -9.99 16.96
C ASP B 146 13.33 -11.02 17.32
N SER B 147 13.01 -11.91 16.36
CA SER B 147 11.97 -12.90 16.57
C SER B 147 12.41 -14.27 16.05
N VAL B 148 12.04 -15.32 16.77
CA VAL B 148 12.40 -16.68 16.39
C VAL B 148 11.15 -17.54 16.44
N MET B 149 10.96 -18.34 15.39
CA MET B 149 9.85 -19.26 15.21
C MET B 149 10.42 -20.65 15.01
N THR B 150 9.91 -21.65 15.75
CA THR B 150 10.44 -23.00 15.64
C THR B 150 9.29 -24.02 15.64
N ARG B 151 9.43 -25.05 14.81
CA ARG B 151 8.32 -25.98 14.60
C ARG B 151 8.10 -26.83 15.86
N VAL B 152 6.85 -26.99 16.27
CA VAL B 152 6.56 -27.78 17.47
C VAL B 152 5.47 -28.83 17.22
N ALA B 153 4.77 -28.76 16.08
CA ALA B 153 3.74 -29.78 15.78
C ALA B 153 3.26 -29.59 14.35
N VAL B 154 2.35 -30.47 13.93
CA VAL B 154 1.84 -30.38 12.57
C VAL B 154 0.90 -29.16 12.44
N ASP C 18 -23.70 -4.48 18.38
CA ASP C 18 -23.09 -3.67 17.32
C ASP C 18 -22.04 -4.44 16.51
N ALA C 19 -21.19 -5.20 17.19
CA ALA C 19 -20.15 -5.93 16.48
C ALA C 19 -20.75 -7.08 15.65
N ALA C 20 -19.95 -7.61 14.72
CA ALA C 20 -20.48 -8.55 13.73
C ALA C 20 -20.95 -9.84 14.39
N VAL C 21 -20.19 -10.38 15.33
CA VAL C 21 -20.62 -11.64 15.95
C VAL C 21 -21.91 -11.47 16.75
N ARG C 22 -22.15 -10.28 17.33
CA ARG C 22 -23.44 -10.05 17.96
C ARG C 22 -24.53 -9.84 16.90
N ALA C 23 -24.30 -8.90 15.99
CA ALA C 23 -25.31 -8.51 15.00
C ALA C 23 -25.71 -9.67 14.09
N LEU C 24 -24.77 -10.57 13.77
CA LEU C 24 -25.01 -11.68 12.85
C LEU C 24 -25.01 -13.04 13.55
N ASP C 25 -25.15 -13.05 14.88
CA ASP C 25 -25.11 -14.32 15.62
C ASP C 25 -26.26 -15.24 15.24
N ARG C 26 -27.33 -14.71 14.63
CA ARG C 26 -28.34 -15.55 13.98
C ARG C 26 -27.73 -16.61 13.10
N LEU C 27 -26.57 -16.33 12.50
CA LEU C 27 -25.99 -17.21 11.51
C LEU C 27 -25.10 -18.29 12.09
N ILE C 28 -24.70 -18.18 13.36
CA ILE C 28 -23.72 -19.12 13.90
C ILE C 28 -24.31 -20.54 13.91
N GLY C 29 -23.47 -21.50 13.56
CA GLY C 29 -23.88 -22.88 13.40
C GLY C 29 -23.63 -23.35 11.98
N THR C 30 -24.21 -24.50 11.65
CA THR C 30 -23.92 -25.20 10.43
C THR C 30 -25.20 -25.34 9.62
N TRP C 31 -25.10 -25.05 8.33
CA TRP C 31 -26.25 -24.92 7.44
C TRP C 31 -26.06 -25.80 6.22
N ARG C 32 -27.07 -26.60 5.90
CA ARG C 32 -27.15 -27.22 4.59
C ARG C 32 -27.73 -26.23 3.61
N VAL C 33 -27.12 -26.17 2.41
CA VAL C 33 -27.42 -25.19 1.39
C VAL C 33 -27.93 -25.93 0.16
N SER C 34 -29.03 -25.46 -0.42
CA SER C 34 -29.48 -26.02 -1.70
C SER C 34 -29.92 -24.89 -2.61
N GLY C 35 -30.04 -25.21 -3.90
CA GLY C 35 -30.33 -24.25 -4.94
C GLY C 35 -29.20 -24.22 -5.98
N GLY C 36 -28.93 -23.01 -6.49
CA GLY C 36 -27.80 -22.87 -7.39
C GLY C 36 -26.52 -23.44 -6.80
N ALA C 37 -26.22 -23.07 -5.57
CA ALA C 37 -25.18 -23.73 -4.79
C ALA C 37 -25.83 -24.82 -3.93
N GLU C 38 -25.07 -25.89 -3.68
CA GLU C 38 -25.50 -27.01 -2.84
C GLU C 38 -24.33 -27.50 -1.99
N GLY C 39 -24.57 -27.67 -0.71
CA GLY C 39 -23.58 -28.23 0.19
C GLY C 39 -23.78 -27.69 1.60
N THR C 40 -22.66 -27.41 2.26
CA THR C 40 -22.63 -27.08 3.68
C THR C 40 -21.75 -25.87 3.94
N VAL C 41 -22.23 -25.00 4.84
CA VAL C 41 -21.48 -23.84 5.28
C VAL C 41 -21.66 -23.73 6.79
N SER C 42 -20.68 -23.16 7.46
CA SER C 42 -20.78 -22.95 8.90
C SER C 42 -20.20 -21.60 9.25
N TYR C 43 -20.82 -20.95 10.24
CA TYR C 43 -20.36 -19.69 10.78
C TYR C 43 -19.97 -19.90 12.23
N ARG C 44 -18.78 -19.44 12.59
CA ARG C 44 -18.39 -19.35 13.99
C ARG C 44 -17.82 -17.97 14.25
N GLY C 45 -17.83 -17.57 15.51
CA GLY C 45 -17.30 -16.29 15.90
C GLY C 45 -15.85 -16.46 16.32
N LEU C 46 -15.01 -15.53 15.87
CA LEU C 46 -13.62 -15.53 16.29
C LEU C 46 -13.48 -14.88 17.66
N GLU C 47 -12.46 -15.29 18.40
CA GLU C 47 -12.16 -14.67 19.69
C GLU C 47 -12.17 -13.16 19.58
N GLY C 48 -12.94 -12.51 20.46
CA GLY C 48 -13.13 -11.07 20.44
C GLY C 48 -14.49 -10.62 19.96
N GLY C 49 -15.20 -11.47 19.23
CA GLY C 49 -16.53 -11.13 18.78
C GLY C 49 -16.62 -10.02 17.75
N HIS C 50 -15.50 -9.61 17.15
CA HIS C 50 -15.56 -8.62 16.07
C HIS C 50 -15.64 -9.25 14.68
N PHE C 51 -15.24 -10.52 14.51
CA PHE C 51 -15.25 -11.13 13.20
C PHE C 51 -15.90 -12.50 13.26
N LEU C 52 -16.77 -12.73 12.29
CA LEU C 52 -17.45 -13.99 12.10
C LEU C 52 -16.78 -14.71 10.93
N LEU C 53 -16.44 -15.97 11.12
CA LEU C 53 -15.70 -16.73 10.13
C LEU C 53 -16.60 -17.78 9.48
N GLN C 54 -16.75 -17.71 8.16
CA GLN C 54 -17.58 -18.65 7.42
C GLN C 54 -16.72 -19.66 6.69
N ASP C 55 -16.93 -20.94 6.99
CA ASP C 55 -16.35 -22.07 6.26
C ASP C 55 -17.33 -22.56 5.21
N ILE C 56 -16.85 -22.75 3.99
CA ILE C 56 -17.71 -22.95 2.84
C ILE C 56 -17.26 -24.19 2.09
N ALA C 57 -18.15 -25.17 1.98
CA ALA C 57 -17.94 -26.37 1.16
C ALA C 57 -19.16 -26.49 0.24
N LEU C 58 -19.06 -25.94 -0.99
CA LEU C 58 -20.20 -25.85 -1.90
C LEU C 58 -19.87 -26.39 -3.29
N GLU C 59 -20.91 -26.83 -3.99
CA GLU C 59 -20.84 -27.07 -5.42
C GLU C 59 -21.65 -25.98 -6.12
N GLN C 60 -20.98 -25.22 -6.99
CA GLN C 60 -21.64 -24.17 -7.78
C GLN C 60 -22.07 -24.80 -9.09
N PHE C 61 -23.36 -25.06 -9.23
CA PHE C 61 -23.92 -25.77 -10.38
C PHE C 61 -23.13 -27.04 -10.69
N GLY C 62 -22.91 -27.85 -9.65
CA GLY C 62 -22.22 -29.12 -9.78
C GLY C 62 -20.70 -29.06 -9.65
N GLN C 63 -20.09 -27.87 -9.60
CA GLN C 63 -18.63 -27.79 -9.58
C GLN C 63 -18.12 -27.38 -8.20
N PRO C 64 -17.19 -28.14 -7.63
CA PRO C 64 -16.83 -27.96 -6.22
C PRO C 64 -16.02 -26.70 -5.96
N VAL C 65 -16.37 -25.99 -4.88
CA VAL C 65 -15.67 -24.78 -4.47
C VAL C 65 -15.63 -24.72 -2.94
N THR C 66 -14.43 -24.78 -2.38
CA THR C 66 -14.19 -24.63 -0.96
C THR C 66 -13.67 -23.22 -0.68
N GLY C 67 -14.12 -22.62 0.41
CA GLY C 67 -13.66 -21.27 0.72
C GLY C 67 -13.78 -20.90 2.19
N VAL C 68 -13.25 -19.71 2.49
CA VAL C 68 -13.45 -19.05 3.77
C VAL C 68 -13.84 -17.62 3.50
N GLU C 69 -14.65 -17.05 4.38
CA GLU C 69 -15.08 -15.66 4.33
C GLU C 69 -15.00 -15.10 5.74
N VAL C 70 -14.38 -13.93 5.89
CA VAL C 70 -14.23 -13.30 7.20
C VAL C 70 -15.09 -12.04 7.20
N ILE C 71 -16.14 -12.06 8.01
CA ILE C 71 -17.16 -11.00 8.04
C ILE C 71 -16.95 -10.14 9.27
N GLY C 72 -16.92 -8.83 9.09
CA GLY C 72 -16.91 -7.91 10.23
C GLY C 72 -16.84 -6.47 9.75
N ARG C 73 -17.01 -5.54 10.67
CA ARG C 73 -16.81 -4.14 10.31
C ARG C 73 -15.32 -3.85 10.18
N LEU C 74 -14.94 -3.21 9.08
CA LEU C 74 -13.51 -3.02 8.82
C LEU C 74 -12.96 -1.89 9.67
N LYS C 75 -11.90 -2.20 10.43
CA LYS C 75 -11.19 -1.24 11.26
C LYS C 75 -9.70 -1.28 10.91
N GLU C 76 -8.97 -0.26 11.35
CA GLU C 76 -7.60 -0.06 10.89
C GLU C 76 -6.64 -0.37 12.05
N PHE C 77 -6.33 0.60 12.92
CA PHE C 77 -5.52 0.36 14.09
C PHE C 77 -6.24 0.70 15.39
N GLY C 78 -7.35 1.44 15.32
CA GLY C 78 -8.03 1.93 16.49
C GLY C 78 -8.14 3.44 16.45
N ALA C 79 -8.41 3.96 15.26
CA ALA C 79 -8.41 5.41 15.03
C ALA C 79 -9.63 6.06 15.66
N GLU C 80 -10.80 5.91 15.04
CA GLU C 80 -11.98 6.65 15.47
C GLU C 80 -13.24 5.79 15.49
N GLU C 81 -13.47 5.04 14.43
CA GLU C 81 -14.72 4.30 14.24
C GLU C 81 -14.45 2.84 13.94
N PRO C 82 -15.41 1.96 14.20
CA PRO C 82 -15.25 0.55 13.82
C PRO C 82 -15.60 0.26 12.36
N GLY C 83 -16.15 1.23 11.63
CA GLY C 83 -16.58 1.00 10.26
C GLY C 83 -18.09 0.93 10.10
N GLU C 84 -18.65 1.79 9.25
CA GLU C 84 -20.11 1.90 9.17
C GLU C 84 -20.75 0.56 8.80
N ASP C 85 -20.31 -0.05 7.71
CA ASP C 85 -20.91 -1.26 7.21
C ASP C 85 -20.12 -2.50 7.62
N ILE C 86 -20.83 -3.61 7.77
CA ILE C 86 -20.21 -4.92 7.92
C ILE C 86 -19.76 -5.41 6.54
N ARG C 87 -18.48 -5.69 6.42
CA ARG C 87 -17.87 -6.15 5.19
C ARG C 87 -17.27 -7.53 5.37
N SER C 88 -17.07 -8.20 4.25
CA SER C 88 -16.43 -9.50 4.25
C SER C 88 -15.43 -9.55 3.12
N ARG C 89 -14.46 -10.44 3.28
CA ARG C 89 -13.64 -10.90 2.17
C ARG C 89 -13.76 -12.40 2.08
N TYR C 90 -14.06 -12.89 0.88
CA TYR C 90 -14.18 -14.31 0.57
C TYR C 90 -12.91 -14.77 -0.13
N TYR C 91 -12.42 -15.97 0.21
CA TYR C 91 -11.24 -16.55 -0.43
C TYR C 91 -11.51 -18.02 -0.71
N ASP C 92 -11.25 -18.50 -1.93
CA ASP C 92 -11.68 -19.87 -2.25
C ASP C 92 -10.62 -20.71 -2.94
N SER C 93 -11.03 -21.96 -3.24
CA SER C 93 -10.16 -23.01 -3.74
C SER C 93 -9.80 -22.81 -5.20
N ARG C 94 -10.50 -21.95 -5.92
CA ARG C 94 -10.14 -21.62 -7.28
C ARG C 94 -9.22 -20.41 -7.38
N GLY C 95 -8.79 -19.85 -6.25
CA GLY C 95 -7.89 -18.73 -6.28
C GLY C 95 -8.56 -17.37 -6.34
N ASN C 96 -9.88 -17.32 -6.25
CA ASN C 96 -10.60 -16.04 -6.29
C ASN C 96 -10.80 -15.43 -4.90
N THR C 97 -10.91 -14.10 -4.89
CA THR C 97 -11.29 -13.31 -3.73
C THR C 97 -12.39 -12.33 -4.14
N PHE C 98 -13.22 -11.94 -3.17
CA PHE C 98 -14.25 -10.95 -3.46
C PHE C 98 -14.70 -10.33 -2.14
N ASP C 99 -15.11 -9.06 -2.21
CA ASP C 99 -15.50 -8.29 -1.04
C ASP C 99 -17.00 -8.04 -1.09
N TYR C 100 -17.67 -8.25 0.04
CA TYR C 100 -19.11 -8.09 0.14
C TYR C 100 -19.45 -7.10 1.24
N VAL C 101 -20.70 -6.63 1.19
CA VAL C 101 -21.28 -5.83 2.27
C VAL C 101 -22.51 -6.57 2.76
N TYR C 102 -22.56 -6.80 4.07
CA TYR C 102 -23.68 -7.46 4.73
C TYR C 102 -24.58 -6.40 5.37
N GLU C 103 -25.87 -6.73 5.45
CA GLU C 103 -26.85 -5.89 6.13
C GLU C 103 -27.95 -6.79 6.63
N LEU C 104 -28.16 -6.83 7.94
CA LEU C 104 -29.28 -7.55 8.53
C LEU C 104 -30.32 -6.55 9.00
N ASP C 105 -31.51 -6.61 8.42
CA ASP C 105 -32.62 -5.71 8.72
C ASP C 105 -33.77 -6.56 9.25
N GLY C 106 -33.84 -6.71 10.57
CA GLY C 106 -34.89 -7.55 11.14
C GLY C 106 -34.74 -9.01 10.78
N ASP C 107 -35.60 -9.54 9.91
CA ASP C 107 -35.46 -10.92 9.46
C ASP C 107 -34.87 -11.03 8.06
N THR C 108 -34.48 -9.91 7.44
CA THR C 108 -34.05 -9.92 6.05
C THR C 108 -32.55 -9.64 5.98
N LEU C 109 -31.80 -10.61 5.47
CA LEU C 109 -30.38 -10.44 5.26
C LEU C 109 -30.13 -10.07 3.80
N THR C 110 -29.32 -9.05 3.59
CA THR C 110 -28.88 -8.63 2.27
C THR C 110 -27.37 -8.75 2.21
N ILE C 111 -26.86 -9.36 1.15
CA ILE C 111 -25.44 -9.35 0.85
C ILE C 111 -25.24 -8.73 -0.52
N TRP C 112 -24.57 -7.57 -0.57
CA TRP C 112 -24.29 -6.90 -1.83
C TRP C 112 -23.00 -7.40 -2.44
N GLY C 113 -23.04 -7.71 -3.73
CA GLY C 113 -21.81 -8.04 -4.46
C GLY C 113 -21.10 -6.78 -4.89
N GLY C 114 -20.51 -6.09 -3.93
CA GLY C 114 -19.99 -4.75 -4.11
C GLY C 114 -20.52 -3.87 -2.99
N GLU C 115 -20.42 -2.56 -3.20
CA GLU C 115 -20.90 -1.61 -2.21
C GLU C 115 -22.41 -1.76 -2.04
N LYS C 116 -22.92 -1.31 -0.90
CA LYS C 116 -24.35 -1.16 -0.73
C LYS C 116 -24.95 -0.50 -1.97
N GLY C 117 -26.04 -1.07 -2.45
CA GLY C 117 -26.65 -0.62 -3.68
C GLY C 117 -26.10 -1.21 -4.96
N SER C 118 -25.34 -2.31 -4.89
CA SER C 118 -24.82 -2.93 -6.10
C SER C 118 -25.94 -3.59 -6.91
N PRO C 119 -25.81 -3.62 -8.23
CA PRO C 119 -26.85 -4.29 -9.05
C PRO C 119 -26.89 -5.80 -8.89
N ALA C 120 -25.82 -6.45 -8.43
CA ALA C 120 -25.83 -7.85 -8.05
C ALA C 120 -25.91 -7.94 -6.53
N TYR C 121 -26.88 -8.69 -6.02
CA TYR C 121 -27.01 -8.82 -4.57
C TYR C 121 -27.81 -10.06 -4.24
N TYR C 122 -27.70 -10.47 -2.98
CA TYR C 122 -28.45 -11.58 -2.41
C TYR C 122 -29.41 -11.03 -1.36
N ARG C 123 -30.62 -11.58 -1.33
CA ARG C 123 -31.61 -11.17 -0.34
C ARG C 123 -32.36 -12.41 0.12
N ALA C 124 -32.48 -12.57 1.43
CA ALA C 124 -33.08 -13.77 2.00
C ALA C 124 -33.73 -13.41 3.33
N THR C 125 -34.71 -14.21 3.73
CA THR C 125 -35.51 -13.95 4.92
C THR C 125 -35.48 -15.18 5.82
N PHE C 126 -35.25 -14.96 7.11
CA PHE C 126 -35.28 -16.04 8.08
C PHE C 126 -36.72 -16.47 8.33
N SER C 127 -36.92 -17.79 8.42
CA SER C 127 -38.21 -18.32 8.82
C SER C 127 -38.49 -18.00 10.29
N ALA C 128 -39.74 -18.24 10.70
CA ALA C 128 -40.18 -17.83 12.03
C ALA C 128 -39.31 -18.45 13.12
N ASP C 129 -38.96 -19.73 12.99
CA ASP C 129 -38.10 -20.39 13.97
C ASP C 129 -36.62 -20.08 13.79
N GLY C 130 -36.25 -19.25 12.82
CA GLY C 130 -34.88 -18.84 12.61
C GLY C 130 -33.93 -19.90 12.07
N ASN C 131 -34.41 -21.08 11.69
CA ASN C 131 -33.54 -22.16 11.23
C ASN C 131 -33.58 -22.37 9.73
N THR C 132 -34.40 -21.63 8.98
CA THR C 132 -34.29 -21.59 7.53
C THR C 132 -34.07 -20.16 7.10
N LEU C 133 -33.29 -20.00 6.04
CA LEU C 133 -32.93 -18.70 5.48
C LEU C 133 -33.09 -18.86 3.98
N SER C 134 -34.10 -18.20 3.41
CA SER C 134 -34.53 -18.50 2.05
C SER C 134 -34.50 -17.24 1.21
N GLY C 135 -33.89 -17.31 0.04
CA GLY C 135 -33.72 -16.13 -0.78
C GLY C 135 -33.15 -16.44 -2.14
N ALA C 136 -32.50 -15.43 -2.73
CA ALA C 136 -31.94 -15.60 -4.06
C ALA C 136 -30.80 -14.61 -4.26
N TRP C 137 -29.86 -14.97 -5.13
CA TRP C 137 -28.98 -14.02 -5.79
C TRP C 137 -29.67 -13.52 -7.06
N VAL C 138 -29.65 -12.21 -7.31
CA VAL C 138 -30.22 -11.66 -8.54
C VAL C 138 -29.18 -10.79 -9.23
N TYR C 139 -29.33 -10.64 -10.53
CA TYR C 139 -28.33 -9.97 -11.36
C TYR C 139 -28.99 -9.13 -12.45
N PRO C 140 -28.28 -8.14 -12.97
CA PRO C 140 -28.79 -7.38 -14.12
C PRO C 140 -29.11 -8.30 -15.29
N GLY C 141 -30.23 -8.01 -15.95
CA GLY C 141 -30.74 -8.87 -16.99
C GLY C 141 -31.81 -9.82 -16.54
N GLY C 142 -32.09 -9.89 -15.24
CA GLY C 142 -33.13 -10.72 -14.70
C GLY C 142 -32.70 -12.08 -14.22
N GLY C 143 -31.42 -12.40 -14.32
CA GLY C 143 -30.95 -13.70 -13.90
C GLY C 143 -30.75 -13.79 -12.40
N GLY C 144 -30.48 -15.01 -11.96
CA GLY C 144 -30.24 -15.28 -10.57
C GLY C 144 -30.42 -16.75 -10.29
N TYR C 145 -30.25 -17.11 -9.02
CA TYR C 145 -30.47 -18.49 -8.61
C TYR C 145 -30.94 -18.52 -7.16
N ASP C 146 -31.56 -19.64 -6.80
CA ASP C 146 -32.14 -19.81 -5.47
C ASP C 146 -31.07 -20.15 -4.44
N SER C 147 -31.37 -19.80 -3.18
CA SER C 147 -30.51 -20.20 -2.07
C SER C 147 -31.41 -20.48 -0.86
N VAL C 148 -31.54 -21.75 -0.51
CA VAL C 148 -32.23 -22.15 0.71
C VAL C 148 -31.23 -22.79 1.65
N MET C 149 -31.16 -22.27 2.86
CA MET C 149 -30.18 -22.65 3.86
C MET C 149 -30.95 -23.14 5.09
N THR C 150 -30.67 -24.36 5.53
CA THR C 150 -31.33 -24.95 6.69
C THR C 150 -30.30 -25.24 7.75
N ARG C 151 -30.51 -24.72 8.98
CA ARG C 151 -29.58 -24.98 10.07
C ARG C 151 -29.71 -26.43 10.54
N VAL C 152 -28.60 -27.17 10.56
CA VAL C 152 -28.61 -28.57 10.98
C VAL C 152 -27.74 -28.82 12.21
N ALA C 153 -27.00 -27.84 12.69
CA ALA C 153 -26.24 -27.99 13.92
C ALA C 153 -25.99 -26.60 14.46
N VAL C 154 -25.99 -26.47 15.78
CA VAL C 154 -25.97 -25.14 16.39
C VAL C 154 -24.53 -24.74 16.56
N ASP D 18 -8.79 19.51 -2.60
CA ASP D 18 -8.14 20.80 -2.46
C ASP D 18 -6.58 20.74 -2.57
N ALA D 19 -5.99 21.84 -2.99
CA ALA D 19 -4.58 21.85 -3.36
C ALA D 19 -3.67 21.71 -2.13
N ALA D 20 -2.53 21.04 -2.33
CA ALA D 20 -1.72 20.56 -1.21
C ALA D 20 -1.14 21.69 -0.37
N VAL D 21 -0.61 22.74 -1.01
CA VAL D 21 0.01 23.80 -0.20
C VAL D 21 -1.03 24.44 0.71
N ARG D 22 -2.27 24.54 0.24
CA ARG D 22 -3.33 25.12 1.06
C ARG D 22 -3.84 24.13 2.11
N ALA D 23 -4.13 22.88 1.69
CA ALA D 23 -4.62 21.88 2.66
C ALA D 23 -3.63 21.63 3.79
N LEU D 24 -2.33 21.80 3.52
CA LEU D 24 -1.30 21.48 4.49
C LEU D 24 -0.46 22.70 4.86
N ASP D 25 -1.01 23.90 4.72
CA ASP D 25 -0.23 25.11 4.97
C ASP D 25 0.28 25.22 6.41
N ARG D 26 -0.36 24.54 7.36
CA ARG D 26 0.08 24.63 8.74
C ARG D 26 1.48 24.04 8.93
N LEU D 27 1.94 23.19 8.01
CA LEU D 27 3.31 22.69 8.10
C LEU D 27 4.33 23.67 7.57
N ILE D 28 3.92 24.79 6.95
CA ILE D 28 4.89 25.66 6.31
C ILE D 28 5.76 26.30 7.38
N GLY D 29 7.07 26.13 7.25
CA GLY D 29 8.00 26.67 8.23
C GLY D 29 9.21 25.76 8.43
N THR D 30 10.12 26.15 9.33
CA THR D 30 11.24 25.30 9.68
C THR D 30 10.99 24.75 11.08
N TRP D 31 11.17 23.44 11.25
CA TRP D 31 10.83 22.77 12.49
C TRP D 31 12.05 22.06 13.04
N ARG D 32 12.24 22.17 14.36
CA ARG D 32 13.21 21.36 15.06
C ARG D 32 12.50 20.13 15.58
N VAL D 33 13.17 18.99 15.49
CA VAL D 33 12.55 17.70 15.77
C VAL D 33 13.36 17.04 16.87
N SER D 34 12.67 16.67 17.95
CA SER D 34 13.27 16.00 19.08
C SER D 34 12.51 14.71 19.36
N GLY D 35 13.16 13.82 20.12
CA GLY D 35 12.54 12.56 20.46
C GLY D 35 13.20 11.38 19.78
N GLY D 36 12.39 10.49 19.20
CA GLY D 36 12.94 9.32 18.55
C GLY D 36 13.93 9.67 17.46
N ALA D 37 13.63 10.72 16.71
CA ALA D 37 14.55 11.29 15.73
C ALA D 37 14.81 12.74 16.10
N GLU D 38 15.99 13.23 15.75
CA GLU D 38 16.39 14.56 16.14
C GLU D 38 17.03 15.26 14.96
N GLY D 39 16.68 16.52 14.77
CA GLY D 39 17.26 17.32 13.70
C GLY D 39 16.32 18.47 13.33
N THR D 40 16.39 18.85 12.04
CA THR D 40 15.57 19.91 11.48
C THR D 40 14.87 19.43 10.21
N VAL D 41 13.61 19.87 10.02
CA VAL D 41 12.90 19.71 8.76
C VAL D 41 12.31 21.06 8.35
N SER D 42 12.25 21.30 7.03
CA SER D 42 11.66 22.50 6.45
C SER D 42 10.58 22.11 5.45
N TYR D 43 9.48 22.86 5.43
CA TYR D 43 8.42 22.75 4.44
C TYR D 43 8.25 24.09 3.75
N ARG D 44 8.20 24.07 2.42
CA ARG D 44 7.92 25.28 1.67
C ARG D 44 6.96 24.95 0.54
N GLY D 45 6.03 25.85 0.26
CA GLY D 45 5.06 25.63 -0.82
C GLY D 45 5.67 25.99 -2.16
N LEU D 46 5.43 25.17 -3.16
CA LEU D 46 5.91 25.49 -4.49
C LEU D 46 4.99 26.49 -5.17
N GLU D 47 5.60 27.36 -5.98
CA GLU D 47 4.82 28.27 -6.80
C GLU D 47 3.72 27.49 -7.49
N GLY D 48 2.48 27.97 -7.34
CA GLY D 48 1.30 27.31 -7.86
C GLY D 48 0.43 26.70 -6.77
N GLY D 49 1.01 26.35 -5.62
CA GLY D 49 0.26 25.84 -4.51
C GLY D 49 -0.21 24.41 -4.63
N HIS D 50 0.32 23.64 -5.59
CA HIS D 50 -0.08 22.25 -5.71
C HIS D 50 0.86 21.29 -5.00
N PHE D 51 2.08 21.72 -4.68
CA PHE D 51 3.05 20.81 -4.09
C PHE D 51 3.84 21.49 -2.98
N LEU D 52 4.00 20.75 -1.90
CA LEU D 52 4.77 21.15 -0.73
C LEU D 52 6.09 20.40 -0.77
N LEU D 53 7.19 21.10 -0.70
CA LEU D 53 8.49 20.45 -0.68
C LEU D 53 8.99 20.45 0.75
N GLN D 54 9.42 19.28 1.21
CA GLN D 54 10.01 19.12 2.54
C GLN D 54 11.48 18.76 2.41
N ASP D 55 12.34 19.50 3.11
CA ASP D 55 13.73 19.12 3.30
CA ASP D 55 13.73 19.14 3.30
C ASP D 55 13.92 18.50 4.67
N ILE D 56 14.76 17.46 4.75
CA ILE D 56 14.89 16.64 5.94
C ILE D 56 16.36 16.46 6.28
N ALA D 57 16.71 16.73 7.54
CA ALA D 57 18.04 16.41 8.08
C ALA D 57 17.84 15.92 9.51
N LEU D 58 17.89 14.61 9.71
CA LEU D 58 17.63 14.03 11.02
C LEU D 58 18.62 12.92 11.32
N GLU D 59 18.71 12.58 12.60
CA GLU D 59 19.37 11.39 13.09
C GLU D 59 18.34 10.56 13.84
N GLN D 60 18.53 9.24 13.83
CA GLN D 60 17.60 8.35 14.51
C GLN D 60 18.28 7.59 15.63
N PHE D 61 19.17 6.65 15.32
CA PHE D 61 19.97 5.96 16.32
C PHE D 61 21.41 6.46 16.29
N GLY D 62 21.59 7.75 16.01
CA GLY D 62 22.88 8.29 15.70
C GLY D 62 23.25 8.26 14.24
N GLN D 63 22.60 7.40 13.45
CA GLN D 63 22.84 7.37 12.01
C GLN D 63 22.02 8.45 11.32
N PRO D 64 22.66 9.41 10.65
CA PRO D 64 21.93 10.54 10.06
C PRO D 64 21.24 10.17 8.77
N VAL D 65 20.16 10.89 8.48
CA VAL D 65 19.40 10.73 7.24
C VAL D 65 19.06 12.11 6.70
N THR D 66 19.26 12.30 5.41
CA THR D 66 18.80 13.50 4.76
C THR D 66 18.04 13.13 3.48
N GLY D 67 17.24 14.07 3.01
CA GLY D 67 16.50 13.85 1.78
C GLY D 67 15.46 14.91 1.62
N VAL D 68 14.66 14.76 0.55
CA VAL D 68 13.54 15.66 0.27
C VAL D 68 12.29 14.82 0.01
N GLU D 69 11.14 15.44 0.25
CA GLU D 69 9.83 14.86 0.03
C GLU D 69 8.99 15.89 -0.72
N VAL D 70 8.33 15.47 -1.79
CA VAL D 70 7.43 16.34 -2.56
C VAL D 70 6.01 15.84 -2.31
N ILE D 71 5.21 16.67 -1.66
CA ILE D 71 3.87 16.31 -1.21
C ILE D 71 2.87 17.00 -2.12
N GLY D 72 1.88 16.25 -2.56
CA GLY D 72 0.78 16.80 -3.34
C GLY D 72 0.05 15.71 -4.08
N ARG D 73 -1.10 16.08 -4.64
CA ARG D 73 -1.87 15.15 -5.44
C ARG D 73 -1.20 14.89 -6.79
N LEU D 74 -1.24 13.65 -7.24
CA LEU D 74 -0.80 13.31 -8.59
C LEU D 74 -1.90 13.59 -9.61
N LYS D 75 -1.49 13.85 -10.86
CA LYS D 75 -2.43 14.16 -11.95
C LYS D 75 -1.77 14.04 -13.31
N GLU D 76 -2.27 13.12 -14.13
CA GLU D 76 -1.87 13.06 -15.52
C GLU D 76 -2.47 14.22 -16.29
N PHE D 77 -1.77 14.67 -17.34
CA PHE D 77 -2.27 15.79 -18.12
C PHE D 77 -3.70 15.54 -18.61
N GLY D 78 -4.01 14.30 -18.96
CA GLY D 78 -5.31 14.00 -19.49
C GLY D 78 -6.41 13.81 -18.48
N ALA D 79 -6.11 13.90 -17.19
CA ALA D 79 -7.14 13.73 -16.18
C ALA D 79 -7.91 15.03 -15.99
N GLU D 80 -9.20 14.90 -15.62
CA GLU D 80 -10.00 16.08 -15.31
C GLU D 80 -9.58 16.71 -13.98
N GLU D 81 -9.31 15.89 -12.97
CA GLU D 81 -9.05 16.34 -11.60
C GLU D 81 -7.86 15.60 -11.00
N PRO D 82 -7.15 16.22 -10.05
CA PRO D 82 -6.02 15.53 -9.40
C PRO D 82 -6.51 14.33 -8.62
N GLY D 83 -5.56 13.49 -8.21
CA GLY D 83 -5.89 12.34 -7.39
C GLY D 83 -6.64 12.73 -6.13
N GLU D 84 -7.39 11.77 -5.59
CA GLU D 84 -8.20 12.05 -4.41
C GLU D 84 -7.36 12.10 -3.13
N ASP D 85 -6.28 11.34 -3.04
CA ASP D 85 -5.40 11.42 -1.89
C ASP D 85 -4.27 12.40 -2.16
N ILE D 86 -3.87 13.14 -1.12
CA ILE D 86 -2.60 13.85 -1.18
C ILE D 86 -1.51 12.81 -0.99
N ARG D 87 -0.61 12.72 -1.94
CA ARG D 87 0.46 11.74 -1.88
C ARG D 87 1.80 12.44 -1.69
N SER D 88 2.83 11.64 -1.47
CA SER D 88 4.18 12.17 -1.41
C SER D 88 5.15 11.07 -1.79
N ARG D 89 6.32 11.49 -2.25
CA ARG D 89 7.47 10.61 -2.38
C ARG D 89 8.63 11.25 -1.62
N TYR D 90 9.27 10.45 -0.79
CA TYR D 90 10.42 10.89 -0.01
C TYR D 90 11.65 10.26 -0.62
N TYR D 91 12.62 11.07 -1.00
CA TYR D 91 13.84 10.58 -1.62
C TYR D 91 14.99 10.86 -0.67
N ASP D 92 15.61 9.81 -0.10
CA ASP D 92 16.56 10.02 1.00
C ASP D 92 17.99 9.69 0.60
N SER D 93 18.93 10.02 1.49
CA SER D 93 20.36 9.98 1.17
C SER D 93 20.90 8.56 1.04
N ARG D 94 20.16 7.55 1.47
CA ARG D 94 20.59 6.17 1.27
C ARG D 94 20.13 5.60 -0.06
N GLY D 95 19.41 6.37 -0.86
CA GLY D 95 18.88 5.87 -2.11
C GLY D 95 17.49 5.29 -2.00
N ASN D 96 16.90 5.27 -0.80
CA ASN D 96 15.55 4.76 -0.62
C ASN D 96 14.50 5.77 -1.05
N THR D 97 13.41 5.26 -1.63
CA THR D 97 12.24 6.06 -1.95
C THR D 97 11.03 5.45 -1.25
N PHE D 98 10.22 6.29 -0.63
CA PHE D 98 9.00 5.87 0.06
C PHE D 98 7.87 6.70 -0.50
N ASP D 99 6.71 6.09 -0.64
CA ASP D 99 5.50 6.79 -1.05
C ASP D 99 4.53 6.85 0.12
N TYR D 100 3.96 8.02 0.37
CA TYR D 100 3.08 8.18 1.51
C TYR D 100 1.77 8.81 1.08
N VAL D 101 0.78 8.71 1.95
CA VAL D 101 -0.47 9.44 1.83
C VAL D 101 -0.59 10.35 3.05
N TYR D 102 -0.82 11.64 2.81
CA TYR D 102 -1.04 12.63 3.85
C TYR D 102 -2.53 12.83 4.10
N GLU D 103 -2.90 12.99 5.37
CA GLU D 103 -4.25 13.42 5.72
C GLU D 103 -4.22 14.41 6.87
N LEU D 104 -4.99 15.48 6.74
CA LEU D 104 -5.16 16.48 7.79
C LEU D 104 -6.64 16.55 8.11
N ASP D 105 -7.04 15.97 9.23
CA ASP D 105 -8.42 15.98 9.69
C ASP D 105 -8.45 16.90 10.92
N GLY D 106 -8.86 18.15 10.71
CA GLY D 106 -8.94 19.08 11.81
C GLY D 106 -7.57 19.49 12.31
N ASP D 107 -7.18 18.95 13.47
CA ASP D 107 -5.87 19.27 14.01
C ASP D 107 -4.91 18.09 13.97
N THR D 108 -5.33 16.98 13.40
CA THR D 108 -4.57 15.73 13.45
C THR D 108 -4.08 15.36 12.06
N LEU D 109 -2.76 15.34 11.90
CA LEU D 109 -2.12 14.88 10.67
C LEU D 109 -1.89 13.38 10.76
N THR D 110 -2.27 12.66 9.70
CA THR D 110 -1.89 11.26 9.55
C THR D 110 -1.08 11.10 8.28
N ILE D 111 0.06 10.41 8.39
CA ILE D 111 0.90 10.09 7.23
C ILE D 111 0.98 8.58 7.15
N TRP D 112 0.34 8.02 6.13
CA TRP D 112 0.30 6.58 5.93
C TRP D 112 1.56 6.09 5.23
N GLY D 113 2.22 5.07 5.81
CA GLY D 113 3.33 4.37 5.18
C GLY D 113 2.88 3.36 4.14
N GLY D 114 2.31 3.86 3.06
CA GLY D 114 1.70 3.01 2.06
C GLY D 114 0.39 3.65 1.66
N GLU D 115 -0.68 2.86 1.56
CA GLU D 115 -2.00 3.41 1.33
C GLU D 115 -2.70 3.72 2.66
N LYS D 116 -3.72 4.57 2.58
CA LYS D 116 -4.65 4.82 3.67
C LYS D 116 -4.96 3.52 4.41
N GLY D 117 -4.70 3.50 5.71
CA GLY D 117 -4.94 2.31 6.49
C GLY D 117 -3.76 1.35 6.61
N SER D 118 -2.59 1.72 6.10
CA SER D 118 -1.41 0.88 6.25
C SER D 118 -1.05 0.69 7.74
N PRO D 119 -0.53 -0.47 8.12
CA PRO D 119 -0.14 -0.66 9.53
C PRO D 119 1.03 0.19 9.97
N ALA D 120 1.80 0.77 9.05
CA ALA D 120 2.85 1.72 9.40
C ALA D 120 2.34 3.12 9.08
N TYR D 121 2.28 3.98 10.09
CA TYR D 121 1.77 5.34 9.90
C TYR D 121 2.29 6.23 11.01
N TYR D 122 2.24 7.53 10.74
CA TYR D 122 2.59 8.59 11.68
C TYR D 122 1.35 9.40 12.00
N ARG D 123 1.16 9.72 13.28
CA ARG D 123 -0.01 10.51 13.67
C ARG D 123 0.40 11.54 14.70
N ALA D 124 0.00 12.79 14.47
CA ALA D 124 0.40 13.90 15.31
C ALA D 124 -0.70 14.95 15.31
N THR D 125 -0.73 15.74 16.38
CA THR D 125 -1.71 16.80 16.55
C THR D 125 -0.98 18.13 16.70
N PHE D 126 -1.51 19.15 16.02
CA PHE D 126 -0.96 20.50 16.13
C PHE D 126 -1.36 21.13 17.46
N SER D 127 -0.49 22.00 17.98
CA SER D 127 -0.86 22.85 19.11
C SER D 127 -1.62 24.09 18.63
N ALA D 128 -2.28 24.77 19.57
CA ALA D 128 -3.16 25.87 19.20
C ALA D 128 -2.37 27.05 18.61
N ASP D 129 -1.20 27.37 19.18
CA ASP D 129 -0.37 28.40 18.54
C ASP D 129 0.34 27.89 17.28
N GLY D 130 0.16 26.62 16.92
CA GLY D 130 0.71 26.10 15.68
C GLY D 130 2.21 26.06 15.61
N ASN D 131 2.91 26.21 16.75
CA ASN D 131 4.35 26.09 16.79
C ASN D 131 4.80 24.68 17.17
N THR D 132 3.86 23.79 17.47
CA THR D 132 4.16 22.44 17.95
C THR D 132 3.26 21.41 17.26
N LEU D 133 3.89 20.34 16.78
CA LEU D 133 3.21 19.20 16.18
C LEU D 133 3.78 17.97 16.87
N SER D 134 2.94 17.20 17.57
CA SER D 134 3.45 16.14 18.44
C SER D 134 2.67 14.85 18.22
N GLY D 135 3.40 13.74 18.09
CA GLY D 135 2.78 12.44 17.94
C GLY D 135 3.79 11.33 17.80
N ALA D 136 3.54 10.36 16.93
CA ALA D 136 4.42 9.20 16.87
C ALA D 136 4.35 8.52 15.52
N TRP D 137 5.47 7.91 15.15
CA TRP D 137 5.43 6.84 14.16
C TRP D 137 4.99 5.55 14.85
N VAL D 138 4.04 4.85 14.23
CA VAL D 138 3.65 3.50 14.63
C VAL D 138 4.11 2.53 13.54
N TYR D 139 4.71 1.40 13.95
CA TYR D 139 5.18 0.37 13.03
C TYR D 139 4.57 -0.99 13.36
N PRO D 140 4.30 -1.84 12.36
CA PRO D 140 3.99 -3.24 12.63
C PRO D 140 5.10 -3.89 13.45
N GLY D 141 4.72 -4.84 14.29
CA GLY D 141 5.70 -5.51 15.14
C GLY D 141 5.99 -4.82 16.45
N GLY D 142 5.17 -3.85 16.86
CA GLY D 142 5.37 -3.14 18.11
C GLY D 142 6.43 -2.05 18.07
N GLY D 143 6.84 -1.64 16.87
CA GLY D 143 7.83 -0.59 16.74
C GLY D 143 7.18 0.80 16.65
N GLY D 144 8.05 1.80 16.53
CA GLY D 144 7.65 3.18 16.51
C GLY D 144 8.46 4.00 17.49
N TYR D 145 8.19 5.30 17.49
CA TYR D 145 8.89 6.22 18.38
C TYR D 145 8.11 7.52 18.44
N ASP D 146 8.22 8.19 19.59
CA ASP D 146 7.54 9.46 19.80
C ASP D 146 8.27 10.57 19.04
N SER D 147 7.49 11.58 18.63
CA SER D 147 8.01 12.69 17.86
C SER D 147 7.35 14.00 18.30
N VAL D 148 8.17 15.03 18.52
CA VAL D 148 7.69 16.39 18.74
C VAL D 148 8.46 17.31 17.79
N MET D 149 7.73 18.14 17.06
CA MET D 149 8.33 19.13 16.17
C MET D 149 8.01 20.53 16.69
N THR D 150 9.04 21.36 16.75
CA THR D 150 8.90 22.73 17.25
C THR D 150 9.22 23.68 16.11
N ARG D 151 8.29 24.59 15.82
CA ARG D 151 8.51 25.52 14.73
C ARG D 151 9.38 26.66 15.19
N VAL D 152 10.50 26.87 14.50
CA VAL D 152 11.44 27.93 14.89
C VAL D 152 11.55 29.04 13.85
N ALA D 153 11.06 28.86 12.63
CA ALA D 153 11.25 29.92 11.66
C ALA D 153 10.13 29.91 10.64
N VAL D 154 9.80 31.11 10.15
CA VAL D 154 8.91 31.33 9.03
C VAL D 154 7.48 30.86 9.32
#